data_5HQQ
#
_entry.id   5HQQ
#
loop_
_entity.id
_entity.type
_entity.pdbx_description
1 polymer "DNA (5'-D(*CP*GP*CP*TP*CP*(RIB)P*CP*AP*CP*GP*C)-3')"
2 polymer "DNA (5'-D(*GP*CP*(8OG)P*TP*GP*GP*GP*AP*GP*CP*G)-3')"
#
loop_
_entity_poly.entity_id
_entity_poly.type
_entity_poly.pdbx_seq_one_letter_code
_entity_poly.pdbx_strand_id
1 'polydeoxyribonucleotide' (DC)(DG)(DC)(DT)(DC)(63T)(DC)(DA)(DC)(DG)(DC) A
2 'polydeoxyribonucleotide' (DG)(DC)(8OG)(DT)(DG)(DG)(DG)(DA)(DG)(DC)(DG) B
#
loop_
_chem_comp.id
_chem_comp.type
_chem_comp.name
_chem_comp.formula
63T non-polymer '[(2R,3S)-3-hydroxy-5-oxotetrahydrofuran-2-yl]methyl dihydrogen phosphate (non-preferred name)' 'C5 H9 O7 P'
8OG DNA linking 8-OXO-2'-DEOXY-GUANOSINE-5'-MONOPHOSPHATE 'C10 H14 N5 O8 P'
DA DNA linking 2'-DEOXYADENOSINE-5'-MONOPHOSPHATE 'C10 H14 N5 O6 P'
DC DNA linking 2'-DEOXYCYTIDINE-5'-MONOPHOSPHATE 'C9 H14 N3 O7 P'
DG DNA linking 2'-DEOXYGUANOSINE-5'-MONOPHOSPHATE 'C10 H14 N5 O7 P'
DT DNA linking THYMIDINE-5'-MONOPHOSPHATE 'C10 H15 N2 O8 P'
#
# COMPACT_ATOMS: atom_id res chain seq x y z
O5' 63T A 6 8.42 -2.34 -4.79
C5' 63T A 6 9.32 -2.05 -5.85
C4' 63T A 6 8.51 -1.00 -6.70
O4' 63T A 6 7.30 -1.51 -7.24
C3' 63T A 6 8.11 0.27 -6.00
O3' 63T A 6 9.20 1.15 -6.23
C2' 63T A 6 7.03 0.89 -6.87
C1' 63T A 6 6.51 -0.46 -7.48
O1' 63T A 6 5.51 -0.46 -8.18
P 63T A 6 8.41 -3.87 -4.22
O1P 63T A 6 7.40 -3.94 -3.11
O2P 63T A 6 9.83 -4.20 -3.95
H5'1 63T A 6 10.25 -1.64 -5.43
H5'2 63T A 6 9.52 -2.96 -6.40
H4' 63T A 6 9.26 -0.76 -7.44
H3' 63T A 6 7.82 0.04 -4.98
H2'2 63T A 6 7.45 1.59 -7.59
H2'1 63T A 6 6.26 1.31 -6.22
P 8OG B 3 -4.43 -4.81 5.20
OP1 8OG B 3 -5.56 -5.48 5.85
OP2 8OG B 3 -3.50 -5.55 4.33
O5' 8OG B 3 -5.02 -3.59 4.31
C5' 8OG B 3 -5.88 -2.61 4.85
C4' 8OG B 3 -6.18 -1.45 3.86
O4' 8OG B 3 -5.24 -0.36 3.79
C3' 8OG B 3 -6.59 -1.88 2.39
O3' 8OG B 3 -7.85 -1.33 2.14
C2' 8OG B 3 -5.38 -1.41 1.61
C1' 8OG B 3 -4.94 -0.20 2.42
N9 8OG B 3 -3.50 0.21 2.20
C8 8OG B 3 -2.33 -0.57 2.27
N7 8OG B 3 -1.20 0.08 2.14
C5 8OG B 3 -1.65 1.34 1.86
C6 8OG B 3 -0.90 2.58 1.61
O6 8OG B 3 0.29 2.65 1.45
N1 8OG B 3 -1.71 3.67 1.30
C2 8OG B 3 -3.04 3.64 1.37
N2 8OG B 3 -3.71 4.69 1.05
N3 8OG B 3 -3.70 2.55 1.69
C4 8OG B 3 -3.01 1.43 1.89
O8 8OG B 3 -2.27 -1.77 2.24
H5' 8OG B 3 -6.81 -3.14 5.02
H5'' 8OG B 3 -5.62 -2.22 5.84
H4' 8OG B 3 -7.05 -0.90 4.21
H3' 8OG B 3 -6.66 -2.97 2.22
H2' 8OG B 3 -4.55 -2.12 1.59
H2'' 8OG B 3 -5.56 -1.18 0.56
H1' 8OG B 3 -5.59 0.62 2.10
H7 8OG B 3 -0.32 -0.39 2.10
H1 8OG B 3 -1.21 4.51 1.04
H21 8OG B 3 -4.68 4.61 1.29
H22 8OG B 3 -3.19 5.56 1.06
O5' 63T A 6 7.79 -2.71 -5.48
C5' 63T A 6 8.65 -2.21 -6.54
C4' 63T A 6 7.95 -1.18 -7.40
O4' 63T A 6 6.74 -1.65 -7.92
C3' 63T A 6 7.66 0.20 -6.72
O3' 63T A 6 8.54 1.16 -7.10
C2' 63T A 6 6.26 0.52 -7.30
C1' 63T A 6 5.78 -0.80 -7.81
O1' 63T A 6 4.62 -0.88 -8.20
P 63T A 6 8.28 -3.92 -4.64
O1P 63T A 6 7.46 -3.92 -3.38
O2P 63T A 6 9.77 -3.93 -4.68
H5'1 63T A 6 9.61 -1.83 -6.16
H5'2 63T A 6 8.90 -3.02 -7.21
H4' 63T A 6 8.45 -1.07 -8.37
H3' 63T A 6 7.57 0.07 -5.64
H2'2 63T A 6 6.37 1.14 -8.18
H2'1 63T A 6 5.46 0.82 -6.62
P 8OG B 3 -3.93 -4.14 6.35
OP1 8OG B 3 -4.96 -4.80 7.13
OP2 8OG B 3 -3.07 -4.98 5.52
O5' 8OG B 3 -4.55 -3.09 5.25
C5' 8OG B 3 -5.58 -2.11 5.59
C4' 8OG B 3 -5.91 -1.00 4.52
O4' 8OG B 3 -4.70 -0.24 4.44
C3' 8OG B 3 -6.16 -1.69 3.19
O3' 8OG B 3 -7.35 -1.05 2.70
C2' 8OG B 3 -4.91 -1.36 2.38
C1' 8OG B 3 -4.45 -0.14 3.06
N9 8OG B 3 -2.95 0.23 2.83
C8 8OG B 3 -1.80 -0.52 2.78
N7 8OG B 3 -0.70 0.17 2.61
C5 8OG B 3 -1.19 1.39 2.25
C6 8OG B 3 -0.39 2.46 1.79
O6 8OG B 3 0.82 2.51 1.67
N1 8OG B 3 -1.17 3.58 1.49
C2 8OG B 3 -2.53 3.62 1.72
N2 8OG B 3 -3.15 4.78 1.51
N3 8OG B 3 -3.23 2.65 2.18
C4 8OG B 3 -2.52 1.48 2.38
O8 8OG B 3 -1.68 -1.72 2.99
H5' 8OG B 3 -6.46 -2.69 5.89
H5'' 8OG B 3 -5.24 -1.68 6.54
H4' 8OG B 3 -6.81 -0.47 4.81
H3' 8OG B 3 -6.41 -2.75 3.20
H2' 8OG B 3 -4.11 -2.11 2.44
H2'' 8OG B 3 -5.05 -1.25 1.30
H1' 8OG B 3 -5.08 0.70 2.78
H7 8OG B 3 0.24 -0.19 2.57
H1 8OG B 3 -0.68 4.42 1.27
H21 8OG B 3 -4.13 4.66 1.68
H22 8OG B 3 -2.64 5.65 1.40
O5' 63T A 6 8.64 -2.72 -5.51
C5' 63T A 6 9.18 -2.49 -6.81
C4' 63T A 6 8.46 -1.27 -7.48
O4' 63T A 6 7.17 -1.61 -7.95
C3' 63T A 6 8.32 0.10 -6.72
O3' 63T A 6 9.44 1.01 -6.88
C2' 63T A 6 6.99 0.61 -7.32
C1' 63T A 6 6.39 -0.60 -7.89
O1' 63T A 6 5.26 -0.54 -8.28
P 63T A 6 8.88 -4.12 -4.73
O1P 63T A 6 8.21 -3.99 -3.43
O2P 63T A 6 10.32 -4.37 -4.73
H5'1 63T A 6 10.24 -2.29 -6.65
H5'2 63T A 6 9.11 -3.36 -7.47
H4' 63T A 6 8.99 -1.11 -8.42
H3' 63T A 6 8.19 -0.01 -5.64
H2'2 63T A 6 7.19 1.37 -8.07
H2'1 63T A 6 6.30 0.94 -6.54
P 8OG B 3 -3.61 -4.64 6.21
OP1 8OG B 3 -4.78 -5.20 6.95
OP2 8OG B 3 -2.72 -5.58 5.53
O5' 8OG B 3 -4.24 -3.63 5.15
C5' 8OG B 3 -5.03 -2.50 5.67
C4' 8OG B 3 -5.22 -1.31 4.67
O4' 8OG B 3 -4.10 -0.53 4.49
C3' 8OG B 3 -5.77 -1.76 3.29
O3' 8OG B 3 -6.81 -0.85 2.97
C2' 8OG B 3 -4.60 -1.47 2.36
C1' 8OG B 3 -3.88 -0.29 3.07
N9 8OG B 3 -2.48 0.06 2.78
C8 8OG B 3 -1.39 -0.76 2.68
N7 8OG B 3 -0.29 -0.22 2.46
C5 8OG B 3 -0.67 1.08 2.17
C6 8OG B 3 0.11 2.28 1.88
O6 8OG B 3 1.27 2.36 1.53
N1 8OG B 3 -0.67 3.44 1.67
C2 8OG B 3 -1.95 3.50 2.00
N2 8OG B 3 -2.57 4.60 1.84
N3 8OG B 3 -2.66 2.47 2.43
C4 8OG B 3 -2.01 1.25 2.35
O8 8OG B 3 -1.46 -2.02 2.83
H5' 8OG B 3 -6.04 -2.85 5.88
H5'' 8OG B 3 -4.46 -2.20 6.55
H4' 8OG B 3 -5.98 -0.63 5.05
H3' 8OG B 3 -6.09 -2.81 3.38
H2' 8OG B 3 -3.90 -2.28 2.15
H2'' 8OG B 3 -4.97 -1.15 1.37
H1' 8OG B 3 -4.49 0.60 2.93
H7 8OG B 3 0.64 -0.59 2.56
H1 8OG B 3 -0.23 4.26 1.27
H21 8OG B 3 -3.42 4.63 2.39
H22 8OG B 3 -2.14 5.43 1.48
O5' 63T A 6 7.56 -2.18 -4.18
C5' 63T A 6 8.18 -2.01 -5.43
C4' 63T A 6 7.57 -0.94 -6.37
O4' 63T A 6 6.44 -1.31 -7.08
C3' 63T A 6 7.41 0.54 -5.82
O3' 63T A 6 8.63 1.21 -6.05
C2' 63T A 6 6.25 1.07 -6.76
C1' 63T A 6 5.85 -0.21 -7.50
O1' 63T A 6 4.97 -0.18 -8.33
P 63T A 6 7.80 -3.51 -3.30
O1P 63T A 6 6.77 -3.56 -2.23
O2P 63T A 6 9.21 -3.63 -2.86
H5'1 63T A 6 9.22 -1.78 -5.22
H5'2 63T A 6 8.18 -2.93 -6.03
H4' 63T A 6 8.35 -0.89 -7.13
H3' 63T A 6 7.06 0.50 -4.80
H2'2 63T A 6 6.68 1.81 -7.43
H2'1 63T A 6 5.41 1.61 -6.32
P 8OG B 3 -4.26 -4.49 6.11
OP1 8OG B 3 -5.28 -5.40 6.71
OP2 8OG B 3 -3.13 -5.12 5.35
O5' 8OG B 3 -4.90 -3.52 5.09
C5' 8OG B 3 -5.91 -2.74 5.47
C4' 8OG B 3 -6.24 -1.58 4.51
O4' 8OG B 3 -5.21 -0.57 4.44
C3' 8OG B 3 -6.62 -1.92 3.08
O3' 8OG B 3 -7.77 -1.16 2.70
C2' 8OG B 3 -5.47 -1.47 2.26
C1' 8OG B 3 -5.13 -0.26 3.08
N9 8OG B 3 -3.72 0.26 2.80
C8 8OG B 3 -2.57 -0.50 2.85
N7 8OG B 3 -1.48 0.15 2.59
C5 8OG B 3 -1.93 1.46 2.27
C6 8OG B 3 -1.16 2.54 1.70
O6 8OG B 3 0.04 2.63 1.55
N1 8OG B 3 -1.99 3.61 1.43
C2 8OG B 3 -3.37 3.66 1.65
N2 8OG B 3 -4.01 4.80 1.37
N3 8OG B 3 -4.07 2.61 2.12
C4 8OG B 3 -3.30 1.52 2.35
O8 8OG B 3 -2.49 -1.70 3.16
H5' 8OG B 3 -6.75 -3.37 5.74
H5'' 8OG B 3 -5.71 -2.27 6.44
H4' 8OG B 3 -7.12 -1.10 4.95
H3' 8OG B 3 -6.84 -2.98 2.96
H2' 8OG B 3 -4.67 -2.19 2.31
H2'' 8OG B 3 -5.72 -1.16 1.24
H1' 8OG B 3 -5.83 0.55 2.88
H7 8OG B 3 -0.56 -0.19 2.37
H1 8OG B 3 -1.49 4.40 1.04
H21 8OG B 3 -5.02 4.76 1.39
H22 8OG B 3 -3.52 5.57 0.95
O5' 63T A 6 8.23 -1.21 -4.46
C5' 63T A 6 8.80 -0.68 -5.69
C4' 63T A 6 7.81 0.14 -6.44
O4' 63T A 6 6.78 -0.70 -6.89
C3' 63T A 6 7.11 1.24 -5.57
O3' 63T A 6 7.27 2.47 -6.33
C2' 63T A 6 5.63 0.86 -5.72
C1' 63T A 6 5.55 -0.26 -6.72
O1' 63T A 6 4.50 -0.78 -7.05
P 63T A 6 8.70 -2.63 -4.04
O1P 63T A 6 8.15 -2.95 -2.72
O2P 63T A 6 10.15 -2.54 -4.20
H5'1 63T A 6 9.67 -0.05 -5.51
H5'2 63T A 6 9.10 -1.50 -6.34
H4' 63T A 6 8.29 0.55 -7.33
H3' 63T A 6 7.41 1.35 -4.52
H2'2 63T A 6 5.03 1.69 -6.08
H2'1 63T A 6 5.41 0.40 -4.75
P 8OG B 3 -4.91 -3.71 6.88
OP1 8OG B 3 -6.07 -3.96 7.76
OP2 8OG B 3 -4.21 -4.86 6.22
O5' 8OG B 3 -5.48 -2.75 5.75
C5' 8OG B 3 -6.19 -1.59 6.07
C4' 8OG B 3 -6.61 -0.64 4.92
O4' 8OG B 3 -5.52 0.22 4.64
C3' 8OG B 3 -6.91 -1.44 3.58
O3' 8OG B 3 -8.12 -0.88 3.07
C2' 8OG B 3 -5.70 -1.15 2.70
C1' 8OG B 3 -5.36 0.20 3.21
N9 8OG B 3 -3.92 0.68 2.97
C8 8OG B 3 -2.72 0.01 2.97
N7 8OG B 3 -1.65 0.70 2.79
C5 8OG B 3 -2.23 1.89 2.28
C6 8OG B 3 -1.58 3.08 1.79
O6 8OG B 3 -0.36 3.21 1.60
N1 8OG B 3 -2.38 4.04 1.31
C2 8OG B 3 -3.71 3.96 1.38
N2 8OG B 3 -4.46 4.88 0.80
N3 8OG B 3 -4.38 2.97 2.00
C4 8OG B 3 -3.59 1.91 2.45
O8 8OG B 3 -2.60 -1.16 3.06
H5' 8OG B 3 -7.12 -1.84 6.57
H5'' 8OG B 3 -5.66 -0.93 6.76
H4' 8OG B 3 -7.44 -0.07 5.32
H3' 8OG B 3 -7.17 -2.50 3.66
H2' 8OG B 3 -4.90 -1.84 3.00
H2'' 8OG B 3 -5.94 -1.04 1.65
H1' 8OG B 3 -6.02 0.97 2.79
H7 8OG B 3 -0.70 0.42 2.58
H1 8OG B 3 -1.99 4.95 1.10
H21 8OG B 3 -5.46 4.74 0.94
H22 8OG B 3 -4.02 5.66 0.34
O5' 63T A 6 8.31 -1.28 -5.43
C5' 63T A 6 8.79 -0.56 -6.55
C4' 63T A 6 7.66 0.20 -7.16
O4' 63T A 6 6.74 -0.64 -7.86
C3' 63T A 6 6.92 1.07 -6.13
O3' 63T A 6 7.29 2.48 -6.48
C2' 63T A 6 5.48 0.67 -6.39
C1' 63T A 6 5.49 -0.38 -7.47
O1' 63T A 6 4.48 -0.84 -7.91
P 63T A 6 9.13 -2.58 -4.93
O1P 63T A 6 8.81 -2.67 -3.46
O2P 63T A 6 10.58 -2.54 -5.37
H5'1 63T A 6 9.52 0.12 -6.13
H5'2 63T A 6 9.26 -1.22 -7.28
H4' 63T A 6 8.05 0.98 -7.82
H3' 63T A 6 7.26 0.84 -5.12
H2'2 63T A 6 4.92 1.53 -6.72
H2'1 63T A 6 5.06 0.26 -5.48
P 8OG B 3 -4.80 -3.18 6.77
OP1 8OG B 3 -5.92 -3.62 7.59
OP2 8OG B 3 -4.09 -4.27 5.99
O5' 8OG B 3 -5.46 -2.25 5.60
C5' 8OG B 3 -6.20 -1.10 5.92
C4' 8OG B 3 -6.64 -0.42 4.57
O4' 8OG B 3 -5.62 0.47 4.14
C3' 8OG B 3 -6.95 -1.37 3.42
O3' 8OG B 3 -8.25 -0.95 3.09
C2' 8OG B 3 -5.79 -1.15 2.42
C1' 8OG B 3 -5.36 0.28 2.76
N9 8OG B 3 -3.94 0.56 2.47
C8 8OG B 3 -2.78 -0.12 2.69
N7 8OG B 3 -1.67 0.52 2.40
C5 8OG B 3 -2.12 1.75 1.92
C6 8OG B 3 -1.37 2.97 1.55
O6 8OG B 3 -0.19 3.17 1.50
N1 8OG B 3 -2.22 4.03 1.33
C2 8OG B 3 -3.53 3.98 1.35
N2 8OG B 3 -4.10 5.14 1.31
N3 8OG B 3 -4.27 2.96 1.75
C4 8OG B 3 -3.51 1.84 2.08
O8 8OG B 3 -2.78 -1.29 3.08
H5' 8OG B 3 -7.15 -1.31 6.43
H5'' 8OG B 3 -5.64 -0.53 6.64
H4' 8OG B 3 -7.58 0.09 4.80
H3' 8OG B 3 -7.06 -2.42 3.71
H2' 8OG B 3 -4.94 -1.80 2.58
H2'' 8OG B 3 -6.09 -1.39 1.40
H1' 8OG B 3 -5.99 0.99 2.21
H7 8OG B 3 -0.72 0.19 2.39
H1 8OG B 3 -1.66 4.81 1.03
H21 8OG B 3 -5.11 5.11 1.36
H22 8OG B 3 -3.50 5.90 1.01
O5' 63T A 6 8.32 -1.27 -5.56
C5' 63T A 6 8.85 -0.62 -6.67
C4' 63T A 6 7.88 0.28 -7.39
O4' 63T A 6 7.08 -0.52 -8.16
C3' 63T A 6 7.00 1.08 -6.43
O3' 63T A 6 7.08 2.40 -6.87
C2' 63T A 6 5.62 0.47 -6.61
C1' 63T A 6 5.83 -0.45 -7.81
O1' 63T A 6 4.91 -0.95 -8.35
P 63T A 6 8.94 -2.44 -4.68
O1P 63T A 6 8.28 -2.42 -3.39
O2P 63T A 6 10.42 -2.46 -4.71
H5'1 63T A 6 9.69 -0.04 -6.26
H5'2 63T A 6 9.36 -1.28 -7.37
H4' 63T A 6 8.48 0.88 -8.08
H3' 63T A 6 7.40 0.88 -5.43
H2'2 63T A 6 4.92 1.25 -6.89
H2'1 63T A 6 5.39 -0.06 -5.68
P 8OG B 3 -3.99 -3.83 6.51
OP1 8OG B 3 -5.15 -4.46 7.22
OP2 8OG B 3 -2.93 -4.65 5.90
O5' 8OG B 3 -4.65 -2.84 5.52
C5' 8OG B 3 -5.55 -1.86 5.99
C4' 8OG B 3 -5.99 -0.77 5.02
O4' 8OG B 3 -4.84 0.04 4.71
C3' 8OG B 3 -6.52 -1.27 3.66
O3' 8OG B 3 -7.62 -0.45 3.25
C2' 8OG B 3 -5.33 -1.12 2.72
C1' 8OG B 3 -4.78 0.19 3.30
N9 8OG B 3 -3.36 0.50 2.83
C8 8OG B 3 -2.19 -0.19 2.90
N7 8OG B 3 -1.11 0.43 2.57
C5 8OG B 3 -1.66 1.64 2.12
C6 8OG B 3 -0.95 2.76 1.47
O6 8OG B 3 0.19 2.83 1.14
N1 8OG B 3 -1.74 3.83 1.08
C2 8OG B 3 -3.04 3.93 1.38
N2 8OG B 3 -3.75 4.86 0.81
N3 8OG B 3 -3.74 2.88 2.00
C4 8OG B 3 -2.97 1.71 2.29
O8 8OG B 3 -2.09 -1.41 3.19
H5' 8OG B 3 -6.30 -2.48 6.47
H5'' 8OG B 3 -5.12 -1.35 6.86
H4' 8OG B 3 -6.83 -0.28 5.50
H3' 8OG B 3 -6.85 -2.31 3.71
H2' 8OG B 3 -4.69 -2.00 2.78
H2'' 8OG B 3 -5.65 -1.03 1.68
H1' 8OG B 3 -5.37 1.06 3.01
H7 8OG B 3 -0.18 0.11 2.46
H1 8OG B 3 -1.26 4.51 0.52
H21 8OG B 3 -4.73 4.88 1.05
H22 8OG B 3 -3.31 5.55 0.21
O5' 63T A 6 7.98 -1.21 -5.86
C5' 63T A 6 8.57 -0.47 -6.85
C4' 63T A 6 7.56 0.55 -7.39
O4' 63T A 6 6.62 -0.29 -8.15
C3' 63T A 6 6.70 1.29 -6.32
O3' 63T A 6 6.81 2.68 -6.49
C2' 63T A 6 5.25 1.01 -6.72
C1' 63T A 6 5.38 -0.02 -7.84
O1' 63T A 6 4.48 -0.62 -8.35
P 63T A 6 8.60 -2.52 -5.23
O1P 63T A 6 7.90 -2.89 -3.99
O2P 63T A 6 10.06 -2.43 -5.39
H5'1 63T A 6 9.40 0.00 -6.32
H5'2 63T A 6 9.12 -1.00 -7.62
H4' 63T A 6 7.97 1.23 -8.13
H3' 63T A 6 6.93 1.03 -5.29
H2'2 63T A 6 4.79 1.96 -6.98
H2'1 63T A 6 4.58 0.77 -5.88
P 8OG B 3 -4.59 -3.69 7.03
OP1 8OG B 3 -5.89 -3.93 7.72
OP2 8OG B 3 -3.83 -4.92 6.51
O5' 8OG B 3 -4.85 -2.76 5.82
C5' 8OG B 3 -5.67 -1.58 6.08
C4' 8OG B 3 -5.82 -0.61 4.95
O4' 8OG B 3 -4.57 0.01 4.72
C3' 8OG B 3 -6.30 -1.17 3.65
O3' 8OG B 3 -7.48 -0.54 3.26
C2' 8OG B 3 -5.16 -0.96 2.65
C1' 8OG B 3 -4.54 0.24 3.33
N9 8OG B 3 -3.13 0.56 2.98
C8 8OG B 3 -1.97 -0.16 3.08
N7 8OG B 3 -0.85 0.51 2.95
C5 8OG B 3 -1.30 1.74 2.47
C6 8OG B 3 -0.62 2.90 2.00
O6 8OG B 3 0.60 3.09 1.81
N1 8OG B 3 -1.47 3.84 1.57
C2 8OG B 3 -2.79 3.76 1.58
N2 8OG B 3 -3.45 4.72 1.08
N3 8OG B 3 -3.48 2.80 2.12
C4 8OG B 3 -2.71 1.81 2.53
O8 8OG B 3 -1.90 -1.39 3.34
H5' 8OG B 3 -6.67 -1.88 6.39
H5'' 8OG B 3 -5.36 -1.01 6.96
H4' 8OG B 3 -6.55 0.12 5.32
H3' 8OG B 3 -6.42 -2.25 3.77
H2' 8OG B 3 -4.45 -1.79 2.64
H2'' 8OG B 3 -5.35 -0.76 1.60
H1' 8OG B 3 -5.16 1.13 3.21
H7 8OG B 3 0.09 0.14 2.93
H1 8OG B 3 -1.09 4.68 1.16
H21 8OG B 3 -4.43 4.75 1.32
H22 8OG B 3 -2.94 5.35 0.48
O5' 63T A 6 7.63 -0.96 -5.64
C5' 63T A 6 8.51 -0.39 -6.56
C4' 63T A 6 7.84 0.74 -7.30
O4' 63T A 6 7.03 0.16 -8.28
C3' 63T A 6 7.02 1.68 -6.45
O3' 63T A 6 7.42 3.02 -6.68
C2' 63T A 6 5.54 1.44 -6.95
C1' 63T A 6 5.73 0.60 -8.20
O1' 63T A 6 4.83 0.41 -9.02
P 63T A 6 8.19 -2.18 -4.85
O1P 63T A 6 7.52 -2.29 -3.52
O2P 63T A 6 9.68 -2.08 -4.89
H5'1 63T A 6 9.33 -0.01 -5.93
H5'2 63T A 6 8.83 -1.12 -7.31
H4' 63T A 6 8.52 1.35 -7.89
H3' 63T A 6 7.08 1.46 -5.39
H2'2 63T A 6 4.97 2.35 -7.14
H2'1 63T A 6 5.01 0.85 -6.19
P 8OG B 3 -4.80 -3.17 7.60
OP1 8OG B 3 -5.94 -3.33 8.59
OP2 8OG B 3 -4.15 -4.32 7.04
O5' 8OG B 3 -5.28 -2.15 6.47
C5' 8OG B 3 -5.84 -0.85 6.66
C4' 8OG B 3 -5.78 -0.05 5.36
O4' 8OG B 3 -4.45 0.32 5.01
C3' 8OG B 3 -6.38 -0.76 4.17
O3' 8OG B 3 -7.67 -0.12 4.01
C2' 8OG B 3 -5.28 -0.59 3.10
C1' 8OG B 3 -4.50 0.59 3.60
N9 8OG B 3 -3.14 0.75 3.16
C8 8OG B 3 -2.08 -0.11 3.20
N7 8OG B 3 -1.01 0.37 2.67
C5 8OG B 3 -1.38 1.66 2.19
C6 8OG B 3 -0.62 2.72 1.60
O6 8OG B 3 0.58 2.73 1.38
N1 8OG B 3 -1.35 3.85 1.34
C2 8OG B 3 -2.70 3.92 1.49
N2 8OG B 3 -3.34 4.97 1.18
N3 8OG B 3 -3.41 2.97 2.08
C4 8OG B 3 -2.69 1.82 2.41
O8 8OG B 3 -2.13 -1.26 3.60
H5' 8OG B 3 -6.87 -0.99 6.99
H5'' 8OG B 3 -5.40 -0.30 7.49
H4' 8OG B 3 -6.24 0.94 5.45
H3' 8OG B 3 -6.57 -1.81 4.38
H2' 8OG B 3 -4.73 -1.53 3.09
H2'' 8OG B 3 -5.62 -0.47 2.07
H1' 8OG B 3 -5.10 1.47 3.39
H7 8OG B 3 -0.15 -0.11 2.44
H1 8OG B 3 -0.83 4.64 0.98
H21 8OG B 3 -4.33 4.82 1.34
H22 8OG B 3 -2.95 5.71 0.61
O5' 63T A 6 8.40 -0.91 -5.61
C5' 63T A 6 8.34 -0.38 -6.95
C4' 63T A 6 7.09 0.44 -7.23
O4' 63T A 6 5.97 -0.46 -7.32
C3' 63T A 6 6.69 1.52 -6.18
O3' 63T A 6 7.16 2.78 -6.65
C2' 63T A 6 5.14 1.37 -6.06
C1' 63T A 6 4.94 -0.01 -6.66
O1' 63T A 6 3.99 -0.71 -6.27
P 63T A 6 9.14 -2.38 -5.38
O1P 63T A 6 9.05 -2.70 -3.95
O2P 63T A 6 10.51 -2.39 -6.06
H5'1 63T A 6 9.24 0.22 -7.15
H5'2 63T A 6 8.18 -1.19 -7.65
H4' 63T A 6 7.24 1.04 -8.13
H3' 63T A 6 7.12 1.33 -5.19
H2'2 63T A 6 4.69 2.15 -6.68
H2'1 63T A 6 4.76 1.48 -5.05
P 8OG B 3 -4.57 -3.05 7.59
OP1 8OG B 3 -5.79 -3.40 8.34
OP2 8OG B 3 -3.84 -4.15 6.84
O5' 8OG B 3 -5.08 -2.00 6.49
C5' 8OG B 3 -5.73 -0.75 6.86
C4' 8OG B 3 -5.95 0.18 5.71
O4' 8OG B 3 -4.71 0.86 5.37
C3' 8OG B 3 -6.42 -0.50 4.38
O3' 8OG B 3 -7.61 0.05 3.93
C2' 8OG B 3 -5.24 -0.29 3.48
C1' 8OG B 3 -4.68 1.02 3.97
N9 8OG B 3 -3.33 1.40 3.62
C8 8OG B 3 -2.13 0.63 3.63
N7 8OG B 3 -1.06 1.24 3.28
C5 8OG B 3 -1.55 2.44 2.76
C6 8OG B 3 -0.86 3.36 1.96
O6 8OG B 3 0.30 3.37 1.58
N1 8OG B 3 -1.72 4.34 1.55
C2 8OG B 3 -3.05 4.37 1.73
N2 8OG B 3 -3.74 5.19 1.03
N3 8OG B 3 -3.74 3.45 2.44
C4 8OG B 3 -2.92 2.52 3.00
O8 8OG B 3 -2.08 -0.55 3.88
H5' 8OG B 3 -6.73 -0.97 7.23
H5'' 8OG B 3 -5.19 -0.11 7.55
H4' 8OG B 3 -6.74 0.91 5.89
H3' 8OG B 3 -6.59 -1.56 4.59
H2' 8OG B 3 -4.54 -1.12 3.57
H2'' 8OG B 3 -5.41 -0.23 2.41
H1' 8OG B 3 -5.36 1.83 3.71
H7 8OG B 3 -0.15 0.80 3.23
H1 8OG B 3 -1.34 4.79 0.74
H21 8OG B 3 -4.72 4.97 1.05
H22 8OG B 3 -3.23 5.74 0.35
#